data_3UPW
#
_entry.id   3UPW
#
_cell.length_a   127.306
_cell.length_b   127.306
_cell.length_c   123.064
_cell.angle_alpha   90.00
_cell.angle_beta   90.00
_cell.angle_gamma   120.00
#
_symmetry.space_group_name_H-M   'P 63 2 2'
#
loop_
_entity.id
_entity.type
_entity.pdbx_description
1 polymer 'Old Yellow Enzyme 2.6 (OYE2.6), NADPH dehydrogenase'
2 non-polymer 'FLAVIN MONONUCLEOTIDE'
3 non-polymer 'MALONIC ACID'
4 non-polymer NICOTINAMIDE
5 non-polymer 'SODIUM ION'
6 water water
#
_entity_poly.entity_id   1
_entity_poly.type   'polypeptide(L)'
_entity_poly.pdbx_seq_one_letter_code
;MSSVKISPLKDSEAFQSIKVGNNTLQTKIVYPPTTRFRALEDHTPSDLQLQYYGDRSTFPGTLLITEATFVSPQASGYEG
AAPGIWTDKHAKAWKVITDKVHANGSFVSTQLIFLGRVADPAVMKTRGLNPVSASATYESDAAKEAAEAVGNPVRALTTQ
EVKDLVYEAYTNAAQKAMDAGFDYIELHAAHGYLLDQFLQPCTNQRTDEYGGSIENRARLILELIDHLSTIVGADKIGIR
ISPWATFQNMKAHKDTVHPLTTFSYLVHELQQRADKGQGIAYISVVEPRVSGNVDVSEEDQAGDNEFVSKIWKGVILKAG
NYSYDAPEFKTLKEDIADKRTLVGFSRYFTSNPNLVWKLRDGIDLVPYDRNTFYSDNNYGYNTFSMDSEEVDKELEIKRV
PSAIEAL
;
_entity_poly.pdbx_strand_id   A
#
# COMPACT_ATOMS: atom_id res chain seq x y z
N SER A 2 23.19 -6.05 -9.26
CA SER A 2 23.27 -6.97 -10.39
C SER A 2 21.93 -7.11 -11.12
N SER A 3 21.97 -7.05 -12.45
CA SER A 3 20.77 -7.24 -13.24
C SER A 3 20.21 -8.64 -12.99
N VAL A 4 18.90 -8.74 -12.82
CA VAL A 4 18.27 -10.03 -12.59
C VAL A 4 17.95 -10.71 -13.92
N LYS A 5 18.51 -11.90 -14.12
CA LYS A 5 18.20 -12.67 -15.32
C LYS A 5 16.86 -13.36 -15.12
N ILE A 6 16.00 -13.28 -16.12
CA ILE A 6 14.67 -13.84 -16.00
C ILE A 6 14.23 -14.49 -17.30
N SER A 7 13.40 -15.51 -17.19
CA SER A 7 12.81 -16.14 -18.36
CA SER A 7 12.80 -16.13 -18.36
C SER A 7 11.48 -15.43 -18.67
N PRO A 8 11.05 -15.46 -19.94
CA PRO A 8 9.84 -14.76 -20.37
C PRO A 8 8.58 -15.33 -19.72
N LEU A 9 7.69 -14.44 -19.28
CA LEU A 9 6.41 -14.86 -18.72
C LEU A 9 5.26 -14.76 -19.73
N LYS A 10 5.58 -14.40 -20.96
CA LYS A 10 4.57 -14.20 -22.01
C LYS A 10 3.49 -15.28 -22.09
N ASP A 11 3.90 -16.53 -22.10
CA ASP A 11 2.94 -17.62 -22.31
C ASP A 11 2.32 -18.14 -21.02
N SER A 12 2.61 -17.48 -19.89
CA SER A 12 2.12 -17.92 -18.58
C SER A 12 0.79 -17.27 -18.18
N GLU A 13 0.26 -17.67 -17.03
CA GLU A 13 -0.95 -17.04 -16.50
C GLU A 13 -0.75 -15.55 -16.29
N ALA A 14 0.50 -15.10 -16.24
CA ALA A 14 0.74 -13.68 -15.94
C ALA A 14 0.19 -12.78 -17.04
N PHE A 15 -0.09 -13.36 -18.20
CA PHE A 15 -0.63 -12.58 -19.32
C PHE A 15 -2.00 -13.06 -19.83
N GLN A 16 -2.73 -13.69 -18.91
CA GLN A 16 -4.13 -14.02 -19.11
C GLN A 16 -4.98 -12.96 -18.40
N SER A 17 -6.09 -12.57 -19.01
CA SER A 17 -6.91 -11.52 -18.42
C SER A 17 -7.60 -11.96 -17.14
N ILE A 18 -7.97 -10.98 -16.31
CA ILE A 18 -8.66 -11.27 -15.06
C ILE A 18 -9.54 -10.11 -14.62
N LYS A 19 -10.77 -10.42 -14.23
CA LYS A 19 -11.70 -9.38 -13.79
C LYS A 19 -11.43 -9.06 -12.32
N VAL A 20 -11.19 -7.79 -12.04
CA VAL A 20 -10.96 -7.34 -10.68
C VAL A 20 -11.99 -6.25 -10.39
N GLY A 21 -13.01 -6.58 -9.61
CA GLY A 21 -14.11 -5.64 -9.44
C GLY A 21 -14.81 -5.48 -10.77
N ASN A 22 -14.98 -4.23 -11.23
CA ASN A 22 -15.66 -3.92 -12.49
C ASN A 22 -14.71 -3.86 -13.70
N ASN A 23 -13.41 -4.02 -13.49
CA ASN A 23 -12.44 -3.83 -14.56
C ASN A 23 -11.70 -5.11 -14.90
N THR A 24 -11.23 -5.23 -16.14
CA THR A 24 -10.46 -6.40 -16.53
C THR A 24 -8.99 -6.03 -16.78
N LEU A 25 -8.08 -6.67 -16.06
CA LEU A 25 -6.65 -6.46 -16.28
C LEU A 25 -6.17 -7.41 -17.36
N GLN A 26 -5.16 -6.99 -18.12
CA GLN A 26 -4.61 -7.84 -19.18
C GLN A 26 -3.27 -8.44 -18.76
N THR A 27 -2.78 -8.05 -17.58
CA THR A 27 -1.62 -8.72 -17.01
C THR A 27 -1.87 -8.88 -15.51
N LYS A 28 -1.29 -9.93 -14.93
CA LYS A 28 -1.46 -10.17 -13.50
C LYS A 28 -0.32 -9.55 -12.68
N ILE A 29 0.62 -8.93 -13.39
CA ILE A 29 1.73 -8.21 -12.75
C ILE A 29 1.24 -6.83 -12.29
N VAL A 30 1.45 -6.52 -11.02
CA VAL A 30 0.92 -5.29 -10.41
C VAL A 30 2.04 -4.46 -9.81
N TYR A 31 1.89 -3.13 -9.85
CA TYR A 31 2.80 -2.27 -9.09
C TYR A 31 2.17 -1.98 -7.73
N PRO A 32 2.75 -2.54 -6.65
CA PRO A 32 2.16 -2.35 -5.31
C PRO A 32 2.45 -0.96 -4.78
N PRO A 33 1.73 -0.53 -3.73
CA PRO A 33 1.93 0.81 -3.18
C PRO A 33 3.36 0.99 -2.71
N THR A 34 4.00 2.05 -3.19
CA THR A 34 5.42 2.26 -2.91
C THR A 34 5.72 3.73 -2.60
N THR A 35 5.88 4.01 -1.30
CA THR A 35 6.17 5.35 -0.80
C THR A 35 7.52 5.87 -1.33
N ARG A 36 7.53 7.07 -1.92
CA ARG A 36 8.76 7.62 -2.51
C ARG A 36 9.06 9.08 -2.11
N PHE A 37 8.07 9.74 -1.50
CA PHE A 37 8.22 11.11 -0.98
C PHE A 37 8.53 12.17 -2.04
N ARG A 38 7.93 12.05 -3.22
CA ARG A 38 8.07 13.07 -4.25
C ARG A 38 6.76 13.84 -4.48
N ALA A 39 5.94 13.94 -3.44
CA ALA A 39 4.77 14.82 -3.50
C ALA A 39 5.21 16.25 -3.20
N LEU A 40 4.30 17.21 -3.39
CA LEU A 40 4.56 18.59 -3.00
C LEU A 40 4.47 18.74 -1.49
N GLU A 41 4.98 19.84 -0.96
CA GLU A 41 5.02 20.01 0.50
C GLU A 41 3.64 20.04 1.16
N ASP A 42 2.64 20.49 0.42
CA ASP A 42 1.27 20.56 0.94
C ASP A 42 0.57 19.23 0.69
N HIS A 43 1.31 18.29 0.11
CA HIS A 43 0.84 16.92 -0.10
C HIS A 43 0.06 16.71 -1.40
N THR A 44 -0.05 17.76 -2.20
CA THR A 44 -0.65 17.62 -3.51
C THR A 44 0.33 16.85 -4.40
N PRO A 45 -0.18 15.91 -5.19
CA PRO A 45 0.68 15.18 -6.13
C PRO A 45 1.39 16.13 -7.09
N SER A 46 2.59 15.74 -7.53
CA SER A 46 3.49 16.62 -8.27
C SER A 46 3.67 16.25 -9.73
N ASP A 47 4.33 17.14 -10.47
CA ASP A 47 4.76 16.85 -11.83
C ASP A 47 5.58 15.55 -11.91
N LEU A 48 6.49 15.33 -10.96
CA LEU A 48 7.28 14.10 -10.99
C LEU A 48 6.40 12.85 -10.89
N GLN A 49 5.41 12.87 -9.99
CA GLN A 49 4.53 11.71 -9.82
C GLN A 49 3.70 11.44 -11.06
N LEU A 50 3.27 12.50 -11.74
CA LEU A 50 2.48 12.33 -12.96
C LEU A 50 3.27 11.52 -13.97
N GLN A 51 4.55 11.87 -14.19
CA GLN A 51 5.34 11.10 -15.13
C GLN A 51 5.62 9.68 -14.61
N TYR A 52 5.84 9.57 -13.30
CA TYR A 52 6.24 8.32 -12.70
C TYR A 52 5.17 7.24 -12.87
N TYR A 53 3.92 7.58 -12.55
CA TYR A 53 2.84 6.60 -12.73
C TYR A 53 2.52 6.39 -14.20
N GLY A 54 2.56 7.47 -14.98
CA GLY A 54 2.40 7.37 -16.41
C GLY A 54 3.38 6.38 -17.03
N ASP A 55 4.65 6.46 -16.64
CA ASP A 55 5.68 5.59 -17.20
C ASP A 55 5.45 4.10 -16.91
N ARG A 56 4.65 3.81 -15.89
CA ARG A 56 4.47 2.42 -15.45
C ARG A 56 3.14 1.84 -15.93
N SER A 57 2.41 2.60 -16.74
CA SER A 57 1.08 2.21 -17.17
C SER A 57 1.04 1.73 -18.63
N THR A 58 2.21 1.61 -19.27
CA THR A 58 2.24 1.44 -20.73
C THR A 58 1.87 0.06 -21.24
N PHE A 59 1.99 -0.98 -20.44
CA PHE A 59 1.33 -2.23 -20.84
C PHE A 59 -0.15 -2.10 -20.57
N PRO A 60 -0.97 -2.08 -21.63
CA PRO A 60 -2.39 -1.80 -21.44
C PRO A 60 -3.03 -2.82 -20.54
N GLY A 61 -3.82 -2.35 -19.57
CA GLY A 61 -4.52 -3.25 -18.66
C GLY A 61 -3.69 -3.65 -17.46
N THR A 62 -2.71 -2.82 -17.09
CA THR A 62 -1.95 -3.02 -15.85
C THR A 62 -2.65 -2.35 -14.70
N LEU A 63 -2.62 -2.97 -13.52
CA LEU A 63 -3.10 -2.28 -12.32
C LEU A 63 -1.91 -1.66 -11.60
N LEU A 64 -1.98 -0.35 -11.36
CA LEU A 64 -1.01 0.33 -10.50
C LEU A 64 -1.69 0.72 -9.19
N ILE A 65 -0.99 0.57 -8.07
CA ILE A 65 -1.54 1.01 -6.79
C ILE A 65 -0.65 2.13 -6.28
N THR A 66 -1.25 3.25 -5.94
CA THR A 66 -0.50 4.42 -5.53
C THR A 66 0.19 4.22 -4.18
N GLU A 67 1.21 5.04 -3.95
CA GLU A 67 1.97 5.02 -2.73
C GLU A 67 0.99 5.43 -1.64
N ALA A 68 1.28 5.08 -0.40
CA ALA A 68 0.34 5.36 0.67
C ALA A 68 0.01 6.84 0.63
N THR A 69 -1.27 7.14 0.74
CA THR A 69 -1.79 8.49 0.59
C THR A 69 -2.63 8.86 1.82
N PHE A 70 -2.32 10.00 2.45
CA PHE A 70 -2.98 10.37 3.71
C PHE A 70 -4.46 10.61 3.54
N VAL A 71 -5.29 10.07 4.44
CA VAL A 71 -6.72 10.31 4.33
C VAL A 71 -7.13 11.69 4.88
N SER A 72 -6.28 12.28 5.71
CA SER A 72 -6.63 13.54 6.39
C SER A 72 -5.40 14.11 7.08
N PRO A 73 -5.51 15.35 7.59
CA PRO A 73 -4.36 15.90 8.35
C PRO A 73 -3.97 15.02 9.55
N GLN A 74 -4.93 14.50 10.29
CA GLN A 74 -4.60 13.67 11.44
C GLN A 74 -3.95 12.37 11.01
N ALA A 75 -4.13 12.00 9.74
CA ALA A 75 -3.58 10.75 9.20
C ALA A 75 -2.09 10.84 8.86
N SER A 76 -1.53 12.05 8.88
CA SER A 76 -0.18 12.28 8.37
C SER A 76 0.88 11.99 9.43
N GLY A 77 2.09 12.51 9.24
CA GLY A 77 3.12 12.36 10.25
C GLY A 77 4.49 11.96 9.75
N TYR A 78 4.73 12.13 8.44
CA TYR A 78 6.05 11.91 7.87
C TYR A 78 6.78 13.25 7.74
N GLU A 79 8.10 13.23 7.88
CA GLU A 79 8.88 14.43 7.56
C GLU A 79 8.99 14.64 6.05
N GLY A 80 9.21 13.56 5.31
CA GLY A 80 9.24 13.64 3.87
C GLY A 80 7.86 13.99 3.33
N ALA A 81 7.79 14.33 2.04
CA ALA A 81 6.55 14.81 1.43
C ALA A 81 5.77 13.68 0.76
N ALA A 82 4.81 13.11 1.48
CA ALA A 82 3.92 12.10 0.94
C ALA A 82 2.61 12.76 0.53
N PRO A 83 1.90 12.15 -0.43
CA PRO A 83 0.67 12.79 -0.94
C PRO A 83 -0.54 12.54 -0.05
N GLY A 84 -1.57 13.35 -0.28
CA GLY A 84 -2.81 13.27 0.47
C GLY A 84 -4.01 13.34 -0.46
N ILE A 85 -5.14 12.80 -0.01
CA ILE A 85 -6.36 12.81 -0.81
C ILE A 85 -7.56 13.45 -0.08
N TRP A 86 -7.32 14.47 0.73
CA TRP A 86 -8.42 15.08 1.51
C TRP A 86 -8.96 16.45 1.02
N THR A 87 -8.30 17.11 0.09
CA THR A 87 -8.80 18.39 -0.42
C THR A 87 -9.17 18.32 -1.89
N ASP A 88 -9.93 19.30 -2.36
CA ASP A 88 -10.25 19.36 -3.78
C ASP A 88 -8.98 19.48 -4.60
N LYS A 89 -8.01 20.24 -4.08
CA LYS A 89 -6.74 20.44 -4.76
C LYS A 89 -6.01 19.11 -4.94
N HIS A 90 -5.99 18.30 -3.89
CA HIS A 90 -5.36 16.97 -3.98
C HIS A 90 -6.06 16.17 -5.07
N ALA A 91 -7.39 16.19 -5.06
CA ALA A 91 -8.16 15.36 -5.98
C ALA A 91 -7.94 15.80 -7.41
N LYS A 92 -7.93 17.12 -7.63
CA LYS A 92 -7.73 17.65 -8.98
C LYS A 92 -6.36 17.26 -9.54
N ALA A 93 -5.33 17.27 -8.68
CA ALA A 93 -3.99 16.91 -9.12
C ALA A 93 -3.91 15.41 -9.40
N TRP A 94 -4.44 14.60 -8.49
CA TRP A 94 -4.48 13.15 -8.73
C TRP A 94 -5.23 12.81 -10.03
N LYS A 95 -6.25 13.60 -10.36
CA LYS A 95 -7.07 13.34 -11.55
C LYS A 95 -6.24 13.43 -12.83
N VAL A 96 -5.27 14.34 -12.87
CA VAL A 96 -4.41 14.42 -14.04
C VAL A 96 -3.64 13.10 -14.17
N ILE A 97 -3.22 12.54 -13.04
CA ILE A 97 -2.46 11.29 -13.04
C ILE A 97 -3.34 10.09 -13.41
N THR A 98 -4.53 9.96 -12.81
CA THR A 98 -5.40 8.84 -13.19
C THR A 98 -5.85 8.95 -14.65
N ASP A 99 -6.12 10.17 -15.12
CA ASP A 99 -6.41 10.36 -16.54
C ASP A 99 -5.32 9.78 -17.44
N LYS A 100 -4.06 10.06 -17.10
CA LYS A 100 -2.93 9.60 -17.91
C LYS A 100 -2.84 8.08 -17.93
N VAL A 101 -3.04 7.47 -16.75
CA VAL A 101 -3.00 6.03 -16.65
C VAL A 101 -4.14 5.43 -17.47
N HIS A 102 -5.33 6.01 -17.34
CA HIS A 102 -6.51 5.52 -18.07
C HIS A 102 -6.34 5.63 -19.57
N ALA A 103 -5.64 6.67 -20.03
CA ALA A 103 -5.45 6.89 -21.46
C ALA A 103 -4.56 5.81 -22.06
N ASN A 104 -3.84 5.08 -21.20
CA ASN A 104 -3.06 3.94 -21.65
C ASN A 104 -3.79 2.61 -21.48
N GLY A 105 -5.05 2.69 -21.05
CA GLY A 105 -5.88 1.50 -20.91
C GLY A 105 -5.62 0.75 -19.62
N SER A 106 -4.94 1.43 -18.68
CA SER A 106 -4.60 0.80 -17.41
C SER A 106 -5.47 1.33 -16.28
N PHE A 107 -5.26 0.81 -15.07
CA PHE A 107 -6.14 1.14 -13.96
C PHE A 107 -5.32 1.50 -12.73
N VAL A 108 -5.92 2.22 -11.80
CA VAL A 108 -5.19 2.67 -10.64
C VAL A 108 -6.02 2.63 -9.35
N SER A 109 -5.41 2.09 -8.30
CA SER A 109 -6.03 2.03 -6.99
C SER A 109 -5.23 2.99 -6.11
N THR A 110 -5.91 3.74 -5.24
CA THR A 110 -5.16 4.56 -4.28
C THR A 110 -5.13 3.92 -2.91
N GLN A 111 -3.94 3.79 -2.34
CA GLN A 111 -3.84 3.24 -0.99
C GLN A 111 -4.00 4.34 0.05
N LEU A 112 -5.04 4.21 0.88
CA LEU A 112 -5.35 5.16 1.93
C LEU A 112 -4.66 4.79 3.23
N ILE A 113 -3.77 5.65 3.71
CA ILE A 113 -3.03 5.36 4.93
C ILE A 113 -3.39 6.34 6.04
N PHE A 114 -3.15 5.92 7.27
CA PHE A 114 -3.29 6.74 8.46
C PHE A 114 -2.14 6.26 9.35
N LEU A 115 -1.22 7.15 9.72
CA LEU A 115 0.00 6.67 10.40
C LEU A 115 -0.26 6.17 11.81
N GLY A 116 -0.99 6.93 12.61
CA GLY A 116 -1.27 6.50 13.97
C GLY A 116 -0.08 6.69 14.90
N ARG A 117 0.24 5.67 15.68
CA ARG A 117 1.20 5.83 16.76
C ARG A 117 2.60 6.16 16.27
N VAL A 118 2.86 5.92 14.99
CA VAL A 118 4.21 6.17 14.46
C VAL A 118 4.38 7.55 13.84
N ALA A 119 3.31 8.35 13.84
CA ALA A 119 3.42 9.71 13.32
C ALA A 119 4.50 10.49 14.07
N ASP A 120 5.33 11.23 13.33
CA ASP A 120 6.37 12.06 13.94
C ASP A 120 5.74 13.12 14.85
N PRO A 121 6.10 13.12 16.14
CA PRO A 121 5.40 14.00 17.10
C PRO A 121 5.66 15.49 16.86
N ALA A 122 6.83 15.84 16.34
CA ALA A 122 7.10 17.24 16.00
C ALA A 122 6.26 17.68 14.80
N VAL A 123 6.18 16.82 13.78
CA VAL A 123 5.33 17.13 12.63
C VAL A 123 3.89 17.34 13.06
N MET A 124 3.38 16.43 13.89
CA MET A 124 1.98 16.54 14.31
C MET A 124 1.76 17.79 15.17
N LYS A 125 2.74 18.12 16.00
CA LYS A 125 2.67 19.35 16.79
C LYS A 125 2.43 20.60 15.93
N THR A 126 3.08 20.67 14.76
CA THR A 126 2.91 21.83 13.88
C THR A 126 1.49 21.95 13.35
N ARG A 127 0.71 20.86 13.40
CA ARG A 127 -0.68 20.93 12.98
C ARG A 127 -1.61 21.14 14.18
N GLY A 128 -1.03 21.21 15.37
CA GLY A 128 -1.82 21.30 16.57
C GLY A 128 -2.45 19.97 16.93
N LEU A 129 -1.85 18.88 16.47
CA LEU A 129 -2.41 17.55 16.69
C LEU A 129 -1.49 16.67 17.49
N ASN A 130 -2.05 15.65 18.14
CA ASN A 130 -1.26 14.64 18.80
C ASN A 130 -1.10 13.44 17.88
N PRO A 131 -0.05 12.62 18.09
CA PRO A 131 -0.10 11.32 17.45
C PRO A 131 -1.24 10.53 18.11
N VAL A 132 -2.03 9.82 17.33
CA VAL A 132 -3.15 9.06 17.90
C VAL A 132 -3.09 7.59 17.51
N SER A 133 -3.79 6.75 18.28
CA SER A 133 -3.84 5.34 17.99
C SER A 133 -5.04 4.68 18.65
N ALA A 134 -5.17 3.38 18.46
CA ALA A 134 -6.21 2.61 19.15
C ALA A 134 -5.98 2.74 20.66
N SER A 135 -4.73 2.64 21.07
CA SER A 135 -4.35 2.80 22.48
C SER A 135 -3.09 3.67 22.57
N ALA A 136 -2.79 4.18 23.75
CA ALA A 136 -1.61 5.03 23.87
C ALA A 136 -0.36 4.19 24.03
N THR A 137 0.21 3.74 22.90
CA THR A 137 1.43 2.92 22.94
C THR A 137 2.45 3.48 21.98
N TYR A 138 3.70 3.04 22.13
CA TYR A 138 4.77 3.51 21.26
C TYR A 138 5.49 2.34 20.65
N GLU A 139 6.05 2.57 19.45
CA GLU A 139 6.80 1.57 18.72
C GLU A 139 8.07 1.17 19.48
N SER A 140 8.62 2.12 20.22
CA SER A 140 9.87 1.90 20.95
C SER A 140 10.03 2.92 22.08
N ASP A 141 11.00 2.71 22.96
CA ASP A 141 11.28 3.68 24.02
C ASP A 141 11.79 4.98 23.40
N ALA A 142 12.53 4.85 22.30
CA ALA A 142 13.01 6.02 21.57
C ALA A 142 11.83 6.85 21.06
N ALA A 143 10.82 6.19 20.52
CA ALA A 143 9.62 6.90 20.04
C ALA A 143 8.92 7.60 21.19
N LYS A 144 8.85 6.93 22.33
CA LYS A 144 8.21 7.50 23.50
C LYS A 144 8.97 8.75 23.95
N GLU A 145 10.30 8.62 24.02
CA GLU A 145 11.17 9.74 24.37
C GLU A 145 10.97 10.92 23.43
N ALA A 146 10.99 10.67 22.13
CA ALA A 146 10.83 11.72 21.13
C ALA A 146 9.53 12.50 21.33
N ALA A 147 8.45 11.77 21.60
CA ALA A 147 7.14 12.40 21.76
C ALA A 147 7.04 13.21 23.06
N GLU A 148 7.42 12.61 24.18
CA GLU A 148 7.35 13.32 25.46
C GLU A 148 8.28 14.52 25.47
N ALA A 149 9.36 14.44 24.69
CA ALA A 149 10.33 15.54 24.63
C ALA A 149 9.71 16.81 24.11
N VAL A 150 8.81 16.69 23.12
CA VAL A 150 8.15 17.87 22.56
C VAL A 150 6.77 18.08 23.16
N GLY A 151 6.48 17.37 24.24
CA GLY A 151 5.22 17.55 24.95
C GLY A 151 4.03 17.17 24.10
N ASN A 152 4.23 16.15 23.26
CA ASN A 152 3.18 15.72 22.34
C ASN A 152 3.06 14.20 22.32
N PRO A 153 2.65 13.62 23.44
CA PRO A 153 2.54 12.16 23.62
C PRO A 153 1.46 11.55 22.74
N VAL A 154 1.59 10.26 22.48
CA VAL A 154 0.56 9.53 21.74
C VAL A 154 -0.68 9.45 22.62
N ARG A 155 -1.86 9.54 22.02
CA ARG A 155 -3.08 9.32 22.82
C ARG A 155 -4.07 8.41 22.11
N ALA A 156 -4.90 7.74 22.90
CA ALA A 156 -5.92 6.86 22.35
C ALA A 156 -7.06 7.71 21.80
N LEU A 157 -7.55 7.36 20.61
CA LEU A 157 -8.72 8.02 20.05
C LEU A 157 -9.92 7.73 20.94
N THR A 158 -10.79 8.72 21.13
CA THR A 158 -12.03 8.45 21.85
C THR A 158 -12.98 7.68 20.93
N THR A 159 -14.00 7.08 21.52
CA THR A 159 -15.01 6.35 20.76
C THR A 159 -15.58 7.22 19.65
N GLN A 160 -15.96 8.45 19.97
CA GLN A 160 -16.50 9.36 18.96
C GLN A 160 -15.49 9.64 17.83
N GLU A 161 -14.21 9.78 18.18
CA GLU A 161 -13.20 9.98 17.15
C GLU A 161 -13.10 8.76 16.22
N VAL A 162 -13.27 7.56 16.76
CA VAL A 162 -13.23 6.38 15.90
C VAL A 162 -14.43 6.43 14.94
N LYS A 163 -15.60 6.80 15.45
CA LYS A 163 -16.75 6.99 14.57
C LYS A 163 -16.43 8.03 13.50
N ASP A 164 -15.78 9.13 13.89
CA ASP A 164 -15.41 10.20 12.97
C ASP A 164 -14.53 9.64 11.85
N LEU A 165 -13.68 8.68 12.18
CA LEU A 165 -12.82 8.08 11.15
C LEU A 165 -13.67 7.51 10.05
N VAL A 166 -14.75 6.83 10.42
CA VAL A 166 -15.60 6.19 9.41
C VAL A 166 -16.40 7.24 8.64
N TYR A 167 -17.10 8.11 9.37
CA TYR A 167 -18.09 9.00 8.78
C TYR A 167 -17.51 10.29 8.19
N GLU A 168 -16.32 10.67 8.65
CA GLU A 168 -15.67 11.88 8.15
C GLU A 168 -14.36 11.59 7.42
N ALA A 169 -13.34 11.14 8.14
CA ALA A 169 -12.02 11.04 7.54
C ALA A 169 -11.98 10.13 6.31
N TYR A 170 -12.36 8.87 6.48
CA TYR A 170 -12.33 7.92 5.36
C TYR A 170 -13.43 8.18 4.33
N THR A 171 -14.59 8.64 4.79
CA THR A 171 -15.67 9.01 3.86
C THR A 171 -15.21 10.12 2.91
N ASN A 172 -14.67 11.20 3.47
CA ASN A 172 -14.20 12.29 2.63
C ASN A 172 -13.06 11.85 1.70
N ALA A 173 -12.12 11.07 2.22
CA ALA A 173 -11.04 10.56 1.38
C ALA A 173 -11.60 9.72 0.22
N ALA A 174 -12.60 8.90 0.52
CA ALA A 174 -13.23 8.07 -0.51
C ALA A 174 -13.89 8.94 -1.57
N GLN A 175 -14.61 9.97 -1.13
CA GLN A 175 -15.29 10.87 -2.06
C GLN A 175 -14.29 11.62 -2.93
N LYS A 176 -13.20 12.09 -2.33
CA LYS A 176 -12.15 12.75 -3.09
C LYS A 176 -11.49 11.78 -4.08
N ALA A 177 -11.26 10.53 -3.64
CA ALA A 177 -10.67 9.54 -4.52
C ALA A 177 -11.54 9.31 -5.74
N MET A 178 -12.86 9.38 -5.56
CA MET A 178 -13.77 9.23 -6.70
C MET A 178 -13.72 10.47 -7.61
N ASP A 179 -13.68 11.65 -7.01
CA ASP A 179 -13.47 12.89 -7.75
C ASP A 179 -12.18 12.82 -8.55
N ALA A 180 -11.18 12.14 -8.01
CA ALA A 180 -9.86 12.04 -8.64
C ALA A 180 -9.77 10.92 -9.67
N GLY A 181 -10.87 10.19 -9.85
CA GLY A 181 -10.94 9.19 -10.90
C GLY A 181 -10.26 7.87 -10.59
N PHE A 182 -9.97 7.62 -9.31
CA PHE A 182 -9.41 6.32 -8.94
C PHE A 182 -10.40 5.18 -9.19
N ASP A 183 -9.88 4.06 -9.68
CA ASP A 183 -10.69 2.86 -9.93
C ASP A 183 -10.97 2.08 -8.66
N TYR A 184 -10.06 2.14 -7.70
CA TYR A 184 -10.25 1.49 -6.39
C TYR A 184 -9.68 2.36 -5.29
N ILE A 185 -10.18 2.13 -4.08
CA ILE A 185 -9.50 2.62 -2.88
C ILE A 185 -9.05 1.39 -2.09
N GLU A 186 -7.86 1.46 -1.51
CA GLU A 186 -7.30 0.33 -0.77
C GLU A 186 -7.04 0.74 0.68
N LEU A 187 -7.69 0.04 1.60
CA LEU A 187 -7.47 0.34 3.03
C LEU A 187 -6.13 -0.25 3.44
N HIS A 188 -5.25 0.59 3.97
CA HIS A 188 -3.94 0.14 4.43
C HIS A 188 -4.08 -0.44 5.84
N ALA A 189 -4.14 -1.76 5.94
CA ALA A 189 -4.27 -2.44 7.22
C ALA A 189 -3.02 -3.27 7.50
N ALA A 190 -1.86 -2.80 7.02
CA ALA A 190 -0.62 -3.56 7.12
C ALA A 190 0.47 -2.75 7.83
N HIS A 191 1.59 -3.43 8.08
CA HIS A 191 2.86 -2.77 8.41
C HIS A 191 2.85 -1.89 9.65
N GLY A 192 1.90 -2.15 10.56
CA GLY A 192 1.91 -1.48 11.85
C GLY A 192 1.40 -0.05 11.82
N TYR A 193 0.71 0.34 10.76
CA TYR A 193 0.07 1.66 10.72
C TYR A 193 -1.31 1.58 11.41
N LEU A 194 -2.14 2.62 11.30
CA LEU A 194 -3.30 2.73 12.19
C LEU A 194 -4.23 1.53 12.21
N LEU A 195 -4.64 1.06 11.03
CA LEU A 195 -5.63 -0.03 11.00
C LEU A 195 -5.02 -1.32 11.56
N ASP A 196 -3.74 -1.57 11.27
CA ASP A 196 -3.04 -2.70 11.87
C ASP A 196 -2.94 -2.53 13.40
N GLN A 197 -2.72 -1.29 13.85
CA GLN A 197 -2.71 -1.02 15.29
C GLN A 197 -4.02 -1.40 15.95
N PHE A 198 -5.14 -1.11 15.28
CA PHE A 198 -6.45 -1.56 15.79
C PHE A 198 -6.62 -3.07 15.80
N LEU A 199 -6.15 -3.75 14.76
CA LEU A 199 -6.42 -5.19 14.62
C LEU A 199 -5.77 -6.07 15.67
N GLN A 200 -4.54 -5.76 16.05
CA GLN A 200 -3.74 -6.69 16.85
C GLN A 200 -3.65 -6.25 18.30
N PRO A 201 -3.54 -7.22 19.22
CA PRO A 201 -3.63 -6.88 20.64
C PRO A 201 -2.44 -6.12 21.22
N CYS A 202 -1.25 -6.22 20.63
CA CYS A 202 -0.09 -5.51 21.18
C CYS A 202 -0.30 -4.00 21.12
N THR A 203 -1.17 -3.56 20.22
CA THR A 203 -1.36 -2.14 19.94
C THR A 203 -2.76 -1.64 20.30
N ASN A 204 -3.65 -2.58 20.58
CA ASN A 204 -5.03 -2.21 20.90
C ASN A 204 -5.49 -2.88 22.18
N GLN A 205 -5.55 -2.11 23.25
CA GLN A 205 -6.08 -2.57 24.53
CA GLN A 205 -6.14 -2.63 24.49
C GLN A 205 -7.31 -1.76 24.93
N ARG A 206 -8.12 -1.36 23.96
CA ARG A 206 -9.30 -0.54 24.22
C ARG A 206 -10.33 -1.31 25.03
N THR A 207 -11.19 -0.56 25.73
CA THR A 207 -12.26 -1.17 26.50
C THR A 207 -13.64 -0.75 26.01
N ASP A 208 -13.69 -0.04 24.89
CA ASP A 208 -14.97 0.23 24.23
C ASP A 208 -15.24 -0.83 23.17
N GLU A 209 -16.17 -0.57 22.26
CA GLU A 209 -16.58 -1.60 21.30
C GLU A 209 -15.48 -1.89 20.30
N TYR A 210 -14.43 -1.08 20.31
CA TYR A 210 -13.36 -1.24 19.31
C TYR A 210 -12.14 -1.99 19.82
N GLY A 211 -12.23 -2.57 21.01
CA GLY A 211 -11.15 -3.41 21.50
C GLY A 211 -11.62 -4.39 22.57
N GLY A 212 -10.72 -5.26 23.01
CA GLY A 212 -11.01 -6.15 24.11
C GLY A 212 -11.35 -7.56 23.66
N SER A 213 -11.37 -7.79 22.35
CA SER A 213 -11.57 -9.13 21.80
C SER A 213 -11.15 -9.12 20.34
N ILE A 214 -11.00 -10.31 19.75
CA ILE A 214 -10.64 -10.40 18.34
C ILE A 214 -11.67 -9.65 17.51
N GLU A 215 -12.95 -9.91 17.81
CA GLU A 215 -14.04 -9.32 17.07
C GLU A 215 -14.10 -7.80 17.22
N ASN A 216 -13.90 -7.29 18.44
CA ASN A 216 -13.92 -5.85 18.67
C ASN A 216 -12.75 -5.17 17.97
N ARG A 217 -11.58 -5.80 17.99
CA ARG A 217 -10.41 -5.20 17.33
C ARG A 217 -10.59 -5.09 15.81
N ALA A 218 -11.34 -6.02 15.23
CA ALA A 218 -11.60 -5.99 13.79
C ALA A 218 -12.72 -5.02 13.44
N ARG A 219 -13.47 -4.59 14.45
CA ARG A 219 -14.72 -3.84 14.21
C ARG A 219 -14.53 -2.59 13.35
N LEU A 220 -13.54 -1.76 13.68
CA LEU A 220 -13.31 -0.55 12.89
C LEU A 220 -13.03 -0.87 11.42
N ILE A 221 -12.21 -1.87 11.17
CA ILE A 221 -11.85 -2.21 9.80
C ILE A 221 -13.08 -2.65 9.02
N LEU A 222 -13.90 -3.49 9.64
CA LEU A 222 -15.10 -3.99 8.97
C LEU A 222 -16.16 -2.89 8.82
N GLU A 223 -16.21 -1.96 9.77
CA GLU A 223 -17.12 -0.80 9.62
C GLU A 223 -16.70 0.06 8.45
N LEU A 224 -15.40 0.24 8.27
CA LEU A 224 -14.88 0.96 7.11
C LEU A 224 -15.25 0.25 5.81
N ILE A 225 -15.02 -1.07 5.77
CA ILE A 225 -15.37 -1.85 4.58
C ILE A 225 -16.85 -1.68 4.26
N ASP A 226 -17.69 -1.83 5.28
CA ASP A 226 -19.14 -1.78 5.05
C ASP A 226 -19.59 -0.39 4.64
N HIS A 227 -19.14 0.62 5.37
CA HIS A 227 -19.56 1.99 5.08
C HIS A 227 -19.05 2.45 3.72
N LEU A 228 -17.76 2.26 3.44
CA LEU A 228 -17.23 2.66 2.14
C LEU A 228 -17.86 1.85 0.99
N SER A 229 -18.22 0.59 1.25
CA SER A 229 -18.93 -0.18 0.23
C SER A 229 -20.23 0.52 -0.17
N THR A 230 -20.93 1.12 0.77
CA THR A 230 -22.16 1.86 0.42
C THR A 230 -21.89 3.17 -0.32
N ILE A 231 -20.71 3.75 -0.12
CA ILE A 231 -20.35 5.01 -0.78
C ILE A 231 -19.82 4.81 -2.21
N VAL A 232 -18.87 3.89 -2.39
CA VAL A 232 -18.22 3.74 -3.69
C VAL A 232 -18.53 2.40 -4.37
N GLY A 233 -19.14 1.48 -3.62
CA GLY A 233 -19.41 0.13 -4.10
C GLY A 233 -18.30 -0.83 -3.72
N ALA A 234 -18.66 -2.03 -3.25
CA ALA A 234 -17.65 -3.01 -2.87
C ALA A 234 -16.64 -3.33 -3.99
N ASP A 235 -17.09 -3.26 -5.25
CA ASP A 235 -16.20 -3.53 -6.38
C ASP A 235 -15.06 -2.52 -6.52
N LYS A 236 -15.12 -1.41 -5.78
CA LYS A 236 -14.04 -0.43 -5.85
C LYS A 236 -13.15 -0.43 -4.60
N ILE A 237 -13.23 -1.50 -3.81
CA ILE A 237 -12.51 -1.53 -2.53
C ILE A 237 -11.49 -2.66 -2.46
N GLY A 238 -10.29 -2.34 -1.98
CA GLY A 238 -9.31 -3.35 -1.67
C GLY A 238 -8.85 -3.16 -0.23
N ILE A 239 -8.04 -4.09 0.26
CA ILE A 239 -7.47 -3.95 1.60
C ILE A 239 -6.13 -4.67 1.60
N ARG A 240 -5.14 -4.12 2.27
CA ARG A 240 -3.85 -4.78 2.36
C ARG A 240 -3.55 -5.18 3.79
N ILE A 241 -3.06 -6.40 3.96
CA ILE A 241 -2.66 -6.89 5.29
C ILE A 241 -1.29 -7.52 5.20
N SER A 242 -0.58 -7.58 6.32
CA SER A 242 0.76 -8.19 6.37
C SER A 242 0.82 -9.05 7.63
N PRO A 243 0.16 -10.21 7.60
CA PRO A 243 -0.04 -10.93 8.86
C PRO A 243 1.27 -11.23 9.59
N TRP A 244 2.35 -11.47 8.84
CA TRP A 244 3.60 -11.97 9.44
C TRP A 244 4.61 -10.89 9.75
N ALA A 245 4.30 -9.65 9.36
CA ALA A 245 5.30 -8.60 9.45
C ALA A 245 5.54 -8.16 10.88
N THR A 246 6.78 -7.78 11.18
CA THR A 246 7.11 -7.22 12.49
C THR A 246 7.56 -5.77 12.31
N PHE A 247 7.28 -5.22 11.13
CA PHE A 247 7.61 -3.83 10.81
C PHE A 247 6.96 -2.89 11.83
N GLN A 248 7.69 -1.85 12.23
CA GLN A 248 7.20 -0.92 13.24
C GLN A 248 6.72 -1.62 14.51
N ASN A 249 7.49 -2.63 14.90
CA ASN A 249 7.37 -3.33 16.18
C ASN A 249 6.09 -4.11 16.41
N MET A 250 5.40 -4.51 15.35
CA MET A 250 4.27 -5.41 15.56
C MET A 250 4.80 -6.77 16.04
N LYS A 251 4.16 -7.30 17.07
CA LYS A 251 4.54 -8.58 17.66
C LYS A 251 4.37 -9.74 16.69
N ALA A 252 3.31 -9.70 15.89
CA ALA A 252 3.05 -10.77 14.95
C ALA A 252 2.84 -12.08 15.68
N HIS A 253 3.62 -13.09 15.31
CA HIS A 253 3.48 -14.42 15.89
C HIS A 253 3.84 -14.47 17.37
N LYS A 254 4.42 -13.39 17.89
CA LYS A 254 4.83 -13.37 19.30
C LYS A 254 3.79 -12.62 20.11
N ASP A 255 2.71 -12.20 19.46
CA ASP A 255 1.63 -11.49 20.15
C ASP A 255 0.75 -12.48 20.94
N THR A 256 -0.14 -11.95 21.76
CA THR A 256 -1.01 -12.80 22.58
C THR A 256 -2.12 -13.45 21.77
N VAL A 257 -2.38 -12.89 20.60
CA VAL A 257 -3.22 -13.54 19.60
C VAL A 257 -2.38 -13.67 18.35
N HIS A 258 -2.32 -14.88 17.80
CA HIS A 258 -1.46 -15.19 16.66
C HIS A 258 -2.06 -14.57 15.40
N PRO A 259 -1.21 -14.16 14.44
CA PRO A 259 -1.75 -13.55 13.22
C PRO A 259 -2.68 -14.49 12.46
N LEU A 260 -2.47 -15.81 12.53
CA LEU A 260 -3.38 -16.72 11.85
CA LEU A 260 -3.37 -16.71 11.85
C LEU A 260 -4.80 -16.54 12.36
N THR A 261 -4.92 -16.28 13.66
CA THR A 261 -6.25 -16.08 14.25
C THR A 261 -6.81 -14.72 13.81
N THR A 262 -6.03 -13.67 14.03
CA THR A 262 -6.49 -12.31 13.74
C THR A 262 -6.91 -12.19 12.28
N PHE A 263 -6.04 -12.63 11.38
CA PHE A 263 -6.26 -12.37 9.96
C PHE A 263 -7.20 -13.37 9.31
N SER A 264 -7.26 -14.59 9.82
CA SER A 264 -8.28 -15.53 9.31
C SER A 264 -9.67 -15.05 9.70
N TYR A 265 -9.80 -14.45 10.89
CA TYR A 265 -11.09 -13.89 11.29
C TYR A 265 -11.52 -12.81 10.30
N LEU A 266 -10.59 -11.92 9.98
CA LEU A 266 -10.93 -10.78 9.12
C LEU A 266 -11.26 -11.25 7.72
N VAL A 267 -10.45 -12.15 7.18
CA VAL A 267 -10.65 -12.60 5.80
C VAL A 267 -11.95 -13.39 5.67
N HIS A 268 -12.31 -14.15 6.70
CA HIS A 268 -13.56 -14.92 6.65
C HIS A 268 -14.77 -14.01 6.71
N GLU A 269 -14.70 -12.96 7.53
CA GLU A 269 -15.76 -11.94 7.52
C GLU A 269 -15.88 -11.27 6.15
N LEU A 270 -14.75 -11.02 5.49
CA LEU A 270 -14.80 -10.48 4.13
C LEU A 270 -15.47 -11.46 3.17
N GLN A 271 -15.14 -12.75 3.27
CA GLN A 271 -15.78 -13.71 2.38
C GLN A 271 -17.28 -13.82 2.65
N GLN A 272 -17.69 -13.68 3.91
CA GLN A 272 -19.11 -13.75 4.19
C GLN A 272 -19.86 -12.60 3.54
N ARG A 273 -19.22 -11.44 3.46
CA ARG A 273 -19.82 -10.32 2.72
C ARG A 273 -19.88 -10.61 1.23
N ALA A 274 -18.84 -11.25 0.70
CA ALA A 274 -18.85 -11.65 -0.71
C ALA A 274 -20.01 -12.59 -0.97
N ASP A 275 -20.25 -13.53 -0.05
CA ASP A 275 -21.33 -14.50 -0.22
C ASP A 275 -22.69 -13.80 -0.31
N LYS A 276 -22.80 -12.63 0.29
CA LYS A 276 -24.05 -11.87 0.30
C LYS A 276 -24.09 -10.84 -0.83
N GLY A 277 -23.15 -10.92 -1.76
CA GLY A 277 -23.12 -10.00 -2.89
C GLY A 277 -22.38 -8.69 -2.65
N GLN A 278 -21.63 -8.61 -1.56
CA GLN A 278 -20.86 -7.41 -1.24
C GLN A 278 -19.38 -7.74 -1.17
N GLY A 279 -18.92 -8.53 -2.14
CA GLY A 279 -17.52 -8.95 -2.16
C GLY A 279 -16.64 -7.80 -2.61
N ILE A 280 -15.62 -7.47 -1.83
CA ILE A 280 -14.70 -6.42 -2.23
C ILE A 280 -13.83 -6.89 -3.42
N ALA A 281 -13.12 -5.94 -4.05
CA ALA A 281 -12.43 -6.23 -5.29
C ALA A 281 -11.25 -7.18 -5.11
N TYR A 282 -10.45 -6.92 -4.08
CA TYR A 282 -9.28 -7.76 -3.85
C TYR A 282 -8.77 -7.64 -2.43
N ILE A 283 -8.08 -8.69 -1.99
CA ILE A 283 -7.31 -8.65 -0.75
C ILE A 283 -5.84 -8.73 -1.14
N SER A 284 -5.07 -7.75 -0.69
CA SER A 284 -3.63 -7.70 -0.98
C SER A 284 -2.90 -8.19 0.28
N VAL A 285 -1.99 -9.16 0.10
CA VAL A 285 -1.27 -9.73 1.24
CA VAL A 285 -1.27 -9.72 1.25
C VAL A 285 0.23 -9.70 1.00
N VAL A 286 1.00 -9.39 2.04
CA VAL A 286 2.46 -9.38 1.91
C VAL A 286 3.00 -10.77 2.26
N GLU A 287 3.76 -11.34 1.33
CA GLU A 287 4.32 -12.68 1.53
C GLU A 287 5.38 -12.63 2.63
N PRO A 288 5.53 -13.73 3.39
CA PRO A 288 6.41 -13.73 4.57
C PRO A 288 7.89 -13.53 4.22
N ARG A 289 8.23 -13.51 2.94
CA ARG A 289 9.59 -13.19 2.53
C ARG A 289 9.96 -11.73 2.85
N VAL A 290 8.96 -10.88 3.05
CA VAL A 290 9.23 -9.47 3.31
C VAL A 290 8.39 -8.92 4.46
N SER A 291 9.03 -8.11 5.28
CA SER A 291 8.32 -7.43 6.38
C SER A 291 8.48 -5.91 6.23
N GLY A 292 7.42 -5.24 5.77
CA GLY A 292 7.53 -3.82 5.46
C GLY A 292 8.49 -3.63 4.30
N ASN A 293 9.67 -3.06 4.57
CA ASN A 293 10.70 -2.92 3.54
C ASN A 293 11.92 -3.79 3.84
N VAL A 294 11.76 -4.80 4.68
CA VAL A 294 12.88 -5.63 5.12
C VAL A 294 12.70 -7.09 4.71
N ASP A 295 13.71 -7.67 4.06
CA ASP A 295 13.66 -9.09 3.70
C ASP A 295 13.85 -9.99 4.93
N VAL A 296 13.12 -11.10 4.93
CA VAL A 296 13.07 -12.01 6.08
C VAL A 296 13.59 -13.39 5.66
N SER A 297 14.52 -13.94 6.43
CA SER A 297 15.10 -15.23 6.07
C SER A 297 14.07 -16.33 6.24
N GLU A 298 14.19 -17.39 5.45
CA GLU A 298 13.27 -18.52 5.57
C GLU A 298 13.19 -19.00 7.01
N GLU A 299 14.34 -18.97 7.69
CA GLU A 299 14.44 -19.42 9.08
C GLU A 299 13.59 -18.58 10.04
N ASP A 300 13.50 -17.28 9.77
CA ASP A 300 12.74 -16.39 10.63
C ASP A 300 11.25 -16.36 10.29
N GLN A 301 10.87 -16.89 9.13
CA GLN A 301 9.47 -16.89 8.71
C GLN A 301 8.63 -17.83 9.59
N ALA A 302 7.53 -17.30 10.13
CA ALA A 302 6.76 -18.02 11.14
C ALA A 302 5.48 -18.61 10.59
N GLY A 303 5.16 -18.32 9.33
CA GLY A 303 3.91 -18.78 8.76
C GLY A 303 3.83 -18.36 7.30
N ASP A 304 2.72 -18.66 6.66
CA ASP A 304 2.53 -18.22 5.28
C ASP A 304 1.09 -17.78 5.06
N ASN A 305 0.76 -17.42 3.83
CA ASN A 305 -0.56 -16.85 3.55
C ASN A 305 -1.52 -17.84 2.89
N GLU A 306 -1.23 -19.12 3.03
CA GLU A 306 -2.10 -20.15 2.47
C GLU A 306 -3.53 -19.98 2.94
N PHE A 307 -3.70 -19.62 4.20
CA PHE A 307 -5.04 -19.46 4.79
C PHE A 307 -5.89 -18.47 4.00
N VAL A 308 -5.27 -17.45 3.41
CA VAL A 308 -6.05 -16.46 2.65
C VAL A 308 -6.68 -17.12 1.42
N SER A 309 -5.91 -17.96 0.74
CA SER A 309 -6.41 -18.63 -0.45
C SER A 309 -7.51 -19.65 -0.09
N LYS A 310 -7.40 -20.25 1.09
CA LYS A 310 -8.39 -21.25 1.53
C LYS A 310 -9.71 -20.61 1.93
N ILE A 311 -9.64 -19.42 2.51
CA ILE A 311 -10.82 -18.80 3.10
C ILE A 311 -11.54 -17.84 2.12
N TRP A 312 -10.76 -17.08 1.37
CA TRP A 312 -11.29 -16.06 0.46
C TRP A 312 -11.31 -16.62 -0.96
N LYS A 313 -12.44 -16.42 -1.64
CA LYS A 313 -12.66 -17.02 -2.95
C LYS A 313 -12.44 -16.02 -4.09
N GLY A 314 -12.15 -14.77 -3.74
CA GLY A 314 -12.00 -13.72 -4.73
C GLY A 314 -10.56 -13.47 -5.15
N VAL A 315 -10.33 -12.29 -5.72
CA VAL A 315 -9.00 -11.94 -6.20
C VAL A 315 -8.05 -11.69 -5.03
N ILE A 316 -6.84 -12.23 -5.15
CA ILE A 316 -5.79 -11.99 -4.16
C ILE A 316 -4.58 -11.40 -4.87
N LEU A 317 -3.99 -10.36 -4.27
CA LEU A 317 -2.73 -9.80 -4.75
C LEU A 317 -1.64 -10.18 -3.75
N LYS A 318 -0.59 -10.82 -4.24
CA LYS A 318 0.55 -11.21 -3.39
C LYS A 318 1.77 -10.42 -3.83
N ALA A 319 2.61 -10.02 -2.88
CA ALA A 319 3.88 -9.37 -3.20
C ALA A 319 4.93 -9.72 -2.16
N GLY A 320 6.21 -9.64 -2.55
CA GLY A 320 7.29 -9.89 -1.63
C GLY A 320 8.39 -10.71 -2.26
N ASN A 321 9.42 -10.02 -2.76
CA ASN A 321 10.59 -10.69 -3.33
C ASN A 321 10.25 -11.85 -4.25
N TYR A 322 9.41 -11.62 -5.25
CA TYR A 322 9.02 -12.70 -6.14
C TYR A 322 10.13 -13.13 -7.09
N SER A 323 11.18 -12.32 -7.21
CA SER A 323 12.27 -12.70 -8.11
C SER A 323 13.30 -13.57 -7.39
N TYR A 324 13.02 -13.98 -6.16
CA TYR A 324 14.01 -14.75 -5.40
C TYR A 324 14.37 -16.07 -6.07
N ASP A 325 13.46 -16.62 -6.88
CA ASP A 325 13.78 -17.87 -7.59
C ASP A 325 13.78 -17.68 -9.10
N ALA A 326 14.08 -16.45 -9.55
CA ALA A 326 14.34 -16.20 -10.95
C ALA A 326 15.59 -17.00 -11.30
N PRO A 327 15.78 -17.32 -12.59
CA PRO A 327 14.99 -16.84 -13.73
C PRO A 327 13.69 -17.61 -13.98
N GLU A 328 13.53 -18.77 -13.35
CA GLU A 328 12.38 -19.63 -13.65
C GLU A 328 11.05 -19.21 -13.02
N PHE A 329 11.10 -18.49 -11.89
CA PHE A 329 9.87 -18.00 -11.28
C PHE A 329 8.91 -19.11 -10.88
N LYS A 330 9.42 -20.17 -10.28
CA LYS A 330 8.60 -21.32 -9.90
C LYS A 330 7.50 -20.94 -8.90
N THR A 331 7.86 -20.12 -7.92
CA THR A 331 6.92 -19.72 -6.87
C THR A 331 5.83 -18.81 -7.44
N LEU A 332 6.23 -17.82 -8.22
CA LEU A 332 5.27 -16.97 -8.91
C LEU A 332 4.27 -17.79 -9.73
N LYS A 333 4.77 -18.72 -10.55
CA LYS A 333 3.86 -19.52 -11.37
C LYS A 333 2.93 -20.40 -10.53
N GLU A 334 3.44 -20.98 -9.45
CA GLU A 334 2.58 -21.75 -8.56
C GLU A 334 1.48 -20.84 -7.98
N ASP A 335 1.87 -19.64 -7.58
CA ASP A 335 0.94 -18.77 -6.86
C ASP A 335 -0.18 -18.25 -7.76
N ILE A 336 0.10 -18.10 -9.05
CA ILE A 336 -0.93 -17.58 -9.95
C ILE A 336 -1.68 -18.70 -10.66
N ALA A 337 -1.33 -19.95 -10.37
CA ALA A 337 -1.95 -21.08 -11.06
C ALA A 337 -3.46 -21.19 -10.82
N ASP A 338 -3.95 -20.64 -9.70
CA ASP A 338 -5.38 -20.76 -9.42
C ASP A 338 -6.23 -19.77 -10.20
N LYS A 339 -5.57 -18.93 -11.00
CA LYS A 339 -6.25 -17.99 -11.91
C LYS A 339 -6.97 -16.80 -11.28
N ARG A 340 -6.88 -16.67 -9.95
CA ARG A 340 -7.47 -15.49 -9.29
C ARG A 340 -6.44 -14.69 -8.48
N THR A 341 -5.16 -14.94 -8.76
CA THR A 341 -4.08 -14.32 -8.01
C THR A 341 -3.24 -13.39 -8.87
N LEU A 342 -3.02 -12.17 -8.36
CA LEU A 342 -2.15 -11.19 -8.99
C LEU A 342 -0.83 -11.22 -8.23
N VAL A 343 0.25 -10.88 -8.92
CA VAL A 343 1.56 -10.83 -8.28
CA VAL A 343 1.56 -10.84 -8.29
C VAL A 343 2.19 -9.45 -8.43
N GLY A 344 2.65 -8.89 -7.32
CA GLY A 344 3.21 -7.54 -7.34
C GLY A 344 4.72 -7.51 -7.21
N PHE A 345 5.32 -6.54 -7.90
CA PHE A 345 6.74 -6.25 -7.76
C PHE A 345 6.85 -4.78 -7.40
N SER A 346 7.48 -4.46 -6.27
CA SER A 346 7.60 -3.06 -5.88
C SER A 346 8.99 -2.49 -6.10
N ARG A 347 10.00 -3.15 -5.53
CA ARG A 347 11.36 -2.66 -5.65
C ARG A 347 11.90 -2.64 -7.08
N TYR A 348 11.61 -3.70 -7.83
CA TYR A 348 12.04 -3.75 -9.22
C TYR A 348 11.24 -2.83 -10.14
N PHE A 349 10.03 -2.45 -9.73
CA PHE A 349 9.25 -1.49 -10.52
C PHE A 349 9.83 -0.07 -10.37
N THR A 350 10.57 0.18 -9.28
CA THR A 350 11.18 1.50 -9.13
C THR A 350 12.26 1.71 -10.20
N SER A 351 13.03 0.66 -10.51
CA SER A 351 14.15 0.80 -11.43
C SER A 351 13.81 0.33 -12.85
N ASN A 352 12.62 -0.24 -13.01
CA ASN A 352 12.17 -0.71 -14.32
C ASN A 352 10.75 -0.24 -14.61
N PRO A 353 10.62 0.99 -15.10
CA PRO A 353 9.27 1.51 -15.37
C PRO A 353 8.50 0.62 -16.35
N ASN A 354 9.22 -0.04 -17.26
CA ASN A 354 8.60 -0.98 -18.19
C ASN A 354 8.63 -2.42 -17.69
N LEU A 355 8.50 -2.61 -16.38
CA LEU A 355 8.67 -3.95 -15.79
C LEU A 355 7.75 -5.00 -16.40
N VAL A 356 6.51 -4.64 -16.70
CA VAL A 356 5.59 -5.63 -17.26
C VAL A 356 6.15 -6.15 -18.60
N TRP A 357 6.63 -5.23 -19.42
CA TRP A 357 7.23 -5.59 -20.70
C TRP A 357 8.49 -6.44 -20.53
N LYS A 358 9.32 -6.10 -19.55
CA LYS A 358 10.53 -6.86 -19.31
C LYS A 358 10.19 -8.30 -18.89
N LEU A 359 9.24 -8.44 -17.97
CA LEU A 359 8.84 -9.76 -17.49
C LEU A 359 8.21 -10.56 -18.60
N ARG A 360 7.40 -9.89 -19.43
CA ARG A 360 6.75 -10.58 -20.54
C ARG A 360 7.80 -11.24 -21.45
N ASP A 361 8.87 -10.51 -21.75
CA ASP A 361 9.77 -10.99 -22.80
C ASP A 361 11.15 -11.41 -22.29
N GLY A 362 11.28 -11.50 -20.97
CA GLY A 362 12.48 -12.03 -20.35
C GLY A 362 13.70 -11.16 -20.52
N ILE A 363 13.52 -9.85 -20.34
CA ILE A 363 14.62 -8.90 -20.43
C ILE A 363 15.22 -8.70 -19.04
N ASP A 364 16.54 -8.75 -18.93
CA ASP A 364 17.22 -8.58 -17.63
C ASP A 364 16.69 -7.36 -16.92
N LEU A 365 16.48 -7.46 -15.61
CA LEU A 365 15.99 -6.33 -14.83
C LEU A 365 17.13 -5.42 -14.38
N VAL A 366 16.91 -4.10 -14.46
CA VAL A 366 17.84 -3.13 -13.90
C VAL A 366 17.78 -3.17 -12.37
N PRO A 367 18.94 -3.25 -11.71
CA PRO A 367 18.96 -3.28 -10.24
C PRO A 367 18.35 -2.00 -9.68
N TYR A 368 17.70 -2.10 -8.54
CA TYR A 368 17.11 -0.92 -7.92
C TYR A 368 18.15 -0.23 -7.03
N ASP A 369 17.84 1.01 -6.64
CA ASP A 369 18.80 1.83 -5.91
C ASP A 369 18.21 2.30 -4.60
N ARG A 370 18.45 1.51 -3.55
CA ARG A 370 17.88 1.80 -2.23
C ARG A 370 18.21 3.22 -1.79
N ASN A 371 19.40 3.72 -2.15
CA ASN A 371 19.81 5.06 -1.71
C ASN A 371 18.86 6.18 -2.11
N THR A 372 18.15 5.99 -3.21
CA THR A 372 17.22 7.01 -3.70
C THR A 372 15.74 6.63 -3.55
N PHE A 373 15.44 5.61 -2.75
CA PHE A 373 14.03 5.25 -2.51
C PHE A 373 13.27 6.41 -1.89
N TYR A 374 13.87 7.07 -0.90
CA TYR A 374 13.12 8.01 -0.07
C TYR A 374 13.64 9.45 -0.11
N SER A 375 14.51 9.77 -1.07
CA SER A 375 15.03 11.14 -1.18
C SER A 375 14.00 12.08 -1.79
N ASP A 376 14.31 13.38 -1.84
CA ASP A 376 13.28 14.37 -2.16
C ASP A 376 13.30 14.92 -3.59
N ASN A 377 14.05 14.31 -4.48
CA ASN A 377 14.24 14.89 -5.81
C ASN A 377 14.18 13.85 -6.91
N ASN A 378 14.33 14.29 -8.16
CA ASN A 378 14.12 13.40 -9.30
C ASN A 378 15.20 12.36 -9.54
N TYR A 379 16.37 12.53 -8.93
CA TYR A 379 17.45 11.58 -9.20
C TYR A 379 17.15 10.20 -8.61
N GLY A 380 17.12 9.19 -9.47
CA GLY A 380 16.80 7.85 -9.03
C GLY A 380 15.30 7.66 -8.94
N TYR A 381 14.54 8.65 -9.41
CA TYR A 381 13.09 8.55 -9.41
C TYR A 381 12.59 8.37 -10.84
N ASN A 382 12.54 9.46 -11.60
CA ASN A 382 12.12 9.41 -12.99
C ASN A 382 13.28 9.18 -13.95
N THR A 383 14.50 9.19 -13.42
CA THR A 383 15.67 9.02 -14.25
C THR A 383 15.80 7.61 -14.87
N PHE A 384 15.14 6.63 -14.28
CA PHE A 384 15.20 5.27 -14.81
C PHE A 384 14.49 5.16 -16.15
N SER A 385 13.67 6.15 -16.49
CA SER A 385 12.96 6.15 -17.77
CA SER A 385 12.97 6.16 -17.77
C SER A 385 13.82 6.81 -18.86
N MET A 386 14.92 7.44 -18.46
CA MET A 386 15.81 8.11 -19.41
C MET A 386 16.92 7.17 -19.83
N ASP A 387 17.53 7.45 -20.99
CA ASP A 387 18.76 6.75 -21.35
C ASP A 387 19.89 7.35 -20.53
N SER A 388 20.64 6.49 -19.83
CA SER A 388 21.72 6.92 -18.96
C SER A 388 22.57 8.06 -19.55
N GLU A 389 22.94 7.93 -20.83
CA GLU A 389 23.79 8.92 -21.49
CA GLU A 389 23.78 8.91 -21.50
C GLU A 389 23.21 10.33 -21.41
N GLU A 390 21.92 10.44 -21.13
CA GLU A 390 21.28 11.75 -21.16
C GLU A 390 20.95 12.31 -19.77
N VAL A 391 21.12 11.49 -18.73
CA VAL A 391 20.81 11.95 -17.37
C VAL A 391 21.86 12.93 -16.86
N ASP A 392 21.47 14.19 -16.70
CA ASP A 392 22.32 15.16 -16.02
C ASP A 392 22.09 15.01 -14.52
N LYS A 393 22.93 14.20 -13.89
CA LYS A 393 22.77 13.88 -12.48
C LYS A 393 22.57 15.09 -11.58
N GLU A 394 23.47 16.07 -11.69
CA GLU A 394 23.43 17.22 -10.80
CA GLU A 394 23.43 17.22 -10.80
C GLU A 394 22.16 18.03 -10.97
N LEU A 395 21.69 18.15 -12.21
CA LEU A 395 20.44 18.84 -12.49
C LEU A 395 19.27 18.07 -11.86
N GLU A 396 19.27 16.75 -11.98
CA GLU A 396 18.17 15.93 -11.45
C GLU A 396 18.14 15.87 -9.93
N ILE A 397 19.31 15.94 -9.30
CA ILE A 397 19.35 15.97 -7.84
C ILE A 397 18.71 17.26 -7.34
N LYS A 398 18.82 18.32 -8.13
CA LYS A 398 18.23 19.59 -7.74
C LYS A 398 16.78 19.73 -8.20
N ARG A 399 16.30 18.78 -9.00
CA ARG A 399 14.94 18.86 -9.49
C ARG A 399 13.97 18.33 -8.43
N VAL A 400 13.42 19.23 -7.63
CA VAL A 400 12.42 18.85 -6.63
C VAL A 400 11.03 18.89 -7.26
N PRO A 401 10.04 18.29 -6.58
CA PRO A 401 8.67 18.28 -7.13
C PRO A 401 8.11 19.69 -7.35
N SER A 402 7.36 19.86 -8.43
CA SER A 402 6.70 21.11 -8.74
C SER A 402 5.24 20.84 -9.08
N ALA A 403 4.44 21.90 -9.14
CA ALA A 403 3.03 21.73 -9.46
C ALA A 403 2.87 21.12 -10.84
N ILE A 404 1.84 20.30 -11.01
CA ILE A 404 1.52 19.75 -12.31
C ILE A 404 1.12 20.86 -13.27
N GLU A 405 1.63 20.80 -14.50
CA GLU A 405 1.34 21.80 -15.53
C GLU A 405 2.02 23.14 -15.23
#